data_7CP2
#
_entry.id   7CP2
#
_cell.length_a   125.037
_cell.length_b   53.601
_cell.length_c   74.892
_cell.angle_alpha   90.000
_cell.angle_beta   92.890
_cell.angle_gamma   90.000
#
_symmetry.space_group_name_H-M   'C 1 2 1'
#
loop_
_entity.id
_entity.type
_entity.pdbx_description
1 polymer CP530R
2 water water
#
_entity_poly.entity_id   1
_entity_poly.type   'polypeptide(L)'
_entity_poly.pdbx_seq_one_letter_code
;PSNMKQFCKISVWLQQHDPDLLEIINNLCMLGNLSAAKYKHGVTFIYPKQAKIRDEIKKHAYSNDPSQAIKTLESLILPF
YIPTPAEFTGEIGSYTGVKLEVEKTEANKVILKNGEAVLVPAADFKPFPDRRLAVWIMESGSMPLEGPPYKR
;
_entity_poly.pdbx_strand_id   A,B,C
#
# COMPACT_ATOMS: atom_id res chain seq x y z
N ASN A 3 16.24 9.98 -4.35
CA ASN A 3 15.53 11.25 -4.44
C ASN A 3 15.09 11.53 -5.87
N MET A 4 13.77 11.58 -6.08
CA MET A 4 13.21 11.76 -7.40
C MET A 4 13.08 13.23 -7.74
N LYS A 5 13.16 13.53 -9.04
CA LYS A 5 12.93 14.88 -9.55
C LYS A 5 11.62 15.02 -10.30
N GLN A 6 11.10 13.95 -10.88
CA GLN A 6 9.75 13.88 -11.39
C GLN A 6 8.92 12.99 -10.48
N PHE A 7 7.61 13.24 -10.44
CA PHE A 7 6.73 12.58 -9.48
C PHE A 7 5.47 12.09 -10.18
N CYS A 8 5.19 10.79 -10.04
CA CYS A 8 3.94 10.22 -10.50
C CYS A 8 2.84 10.26 -9.45
N LYS A 9 3.19 10.53 -8.19
CA LYS A 9 2.21 10.70 -7.13
C LYS A 9 2.80 11.66 -6.10
N ILE A 10 1.91 12.43 -5.46
CA ILE A 10 2.35 13.47 -4.52
C ILE A 10 3.04 12.84 -3.32
N SER A 11 2.67 11.61 -2.94
CA SER A 11 3.27 10.97 -1.78
C SER A 11 4.78 10.82 -1.92
N VAL A 12 5.28 10.65 -3.15
CA VAL A 12 6.71 10.57 -3.37
C VAL A 12 7.38 11.90 -3.04
N TRP A 13 6.73 13.02 -3.40
CA TRP A 13 7.27 14.33 -3.07
C TRP A 13 7.25 14.57 -1.57
N LEU A 14 6.12 14.27 -0.92
CA LEU A 14 6.01 14.49 0.51
C LEU A 14 6.98 13.60 1.29
N GLN A 15 7.27 12.41 0.77
CA GLN A 15 8.23 11.52 1.44
C GLN A 15 9.61 12.15 1.48
N GLN A 16 9.99 12.92 0.46
CA GLN A 16 11.30 13.55 0.42
C GLN A 16 11.37 14.82 1.24
N HIS A 17 10.23 15.45 1.53
CA HIS A 17 10.20 16.71 2.28
C HIS A 17 9.78 16.51 3.73
N ASP A 18 8.72 15.75 3.98
CA ASP A 18 8.22 15.54 5.34
C ASP A 18 7.66 14.13 5.43
N PRO A 19 8.51 13.15 5.75
CA PRO A 19 8.01 11.78 5.93
C PRO A 19 7.03 11.64 7.08
N ASP A 20 7.19 12.46 8.14
CA ASP A 20 6.28 12.39 9.27
C ASP A 20 4.85 12.76 8.86
N LEU A 21 4.70 13.84 8.08
CA LEU A 21 3.38 14.27 7.66
C LEU A 21 2.72 13.24 6.75
N LEU A 22 3.51 12.59 5.89
CA LEU A 22 2.97 11.52 5.05
C LEU A 22 2.54 10.33 5.91
N GLU A 23 3.29 10.04 6.98
CA GLU A 23 2.92 8.95 7.87
C GLU A 23 1.59 9.25 8.56
N ILE A 24 1.34 10.52 8.90
CA ILE A 24 0.07 10.90 9.51
C ILE A 24 -1.07 10.75 8.51
N ILE A 25 -0.84 11.15 7.26
CA ILE A 25 -1.87 11.03 6.23
C ILE A 25 -2.25 9.57 6.04
N ASN A 26 -1.27 8.66 6.09
CA ASN A 26 -1.57 7.24 5.97
C ASN A 26 -2.30 6.73 7.20
N ASN A 27 -1.80 7.08 8.40
CA ASN A 27 -2.41 6.61 9.63
C ASN A 27 -3.78 7.23 9.89
N LEU A 28 -4.17 8.25 9.13
CA LEU A 28 -5.52 8.80 9.18
C LEU A 28 -6.39 8.30 8.05
N CYS A 29 -5.92 7.32 7.27
CA CYS A 29 -6.65 6.76 6.15
C CYS A 29 -7.03 7.83 5.13
N MET A 30 -6.10 8.74 4.86
CA MET A 30 -6.35 9.86 3.96
C MET A 30 -5.43 9.85 2.75
N LEU A 31 -4.65 8.79 2.54
CA LEU A 31 -3.79 8.73 1.36
C LEU A 31 -4.61 8.75 0.06
N GLY A 32 -5.82 8.20 0.09
CA GLY A 32 -6.67 8.25 -1.08
C GLY A 32 -7.03 9.65 -1.51
N ASN A 33 -7.15 10.57 -0.55
CA ASN A 33 -7.40 11.96 -0.88
C ASN A 33 -6.24 12.59 -1.64
N LEU A 34 -5.03 12.07 -1.45
CA LEU A 34 -3.84 12.56 -2.12
C LEU A 34 -3.64 11.95 -3.50
N SER A 35 -4.44 10.96 -3.89
CA SER A 35 -4.25 10.22 -5.13
C SER A 35 -5.26 10.70 -6.17
N ALA A 36 -4.76 10.98 -7.38
CA ALA A 36 -5.62 11.31 -8.50
C ALA A 36 -5.93 10.05 -9.31
N HIS A 41 -10.42 13.56 -11.89
CA HIS A 41 -10.33 14.81 -11.09
C HIS A 41 -8.87 14.94 -10.62
N GLY A 42 -8.32 16.16 -10.51
CA GLY A 42 -6.94 16.33 -10.13
C GLY A 42 -6.75 16.37 -8.62
N VAL A 43 -5.50 16.55 -8.21
CA VAL A 43 -5.14 16.66 -6.81
C VAL A 43 -4.09 17.75 -6.66
N THR A 44 -4.36 18.72 -5.78
CA THR A 44 -3.43 19.79 -5.47
C THR A 44 -3.19 19.78 -3.96
N PHE A 45 -1.95 19.57 -3.55
CA PHE A 45 -1.59 19.52 -2.14
C PHE A 45 -0.95 20.83 -1.72
N ILE A 46 -1.35 21.32 -0.54
CA ILE A 46 -0.82 22.55 0.04
C ILE A 46 0.10 22.16 1.19
N TYR A 47 1.41 22.32 0.98
CA TYR A 47 2.39 21.96 2.00
C TYR A 47 2.63 23.15 2.92
N PRO A 48 2.26 23.08 4.20
CA PRO A 48 2.56 24.19 5.12
C PRO A 48 4.04 24.24 5.46
N LYS A 49 4.73 25.28 4.98
CA LYS A 49 6.18 25.37 5.16
C LYS A 49 6.53 25.60 6.63
N GLN A 50 5.75 26.42 7.33
CA GLN A 50 6.07 26.75 8.71
C GLN A 50 5.91 25.51 9.60
N ALA A 51 6.98 25.21 10.36
CA ALA A 51 6.97 24.01 11.19
C ALA A 51 5.97 24.09 12.33
N LYS A 52 5.57 25.30 12.74
CA LYS A 52 4.59 25.41 13.81
C LYS A 52 3.24 24.83 13.39
N ILE A 53 2.87 25.04 12.12
CA ILE A 53 1.62 24.47 11.63
C ILE A 53 1.70 22.95 11.60
N ARG A 54 2.80 22.41 11.08
CA ARG A 54 2.90 20.96 10.90
C ARG A 54 2.97 20.22 12.24
N ASP A 55 3.63 20.81 13.24
CA ASP A 55 3.72 20.18 14.55
C ASP A 55 2.39 20.29 15.30
N GLU A 56 1.62 21.36 15.05
CA GLU A 56 0.24 21.39 15.54
C GLU A 56 -0.58 20.26 14.91
N ILE A 57 -0.33 19.94 13.65
CA ILE A 57 -1.00 18.80 13.02
C ILE A 57 -0.57 17.51 13.71
N LYS A 58 0.74 17.35 13.93
CA LYS A 58 1.25 16.15 14.58
C LYS A 58 0.76 16.05 16.02
N LYS A 59 0.67 17.19 16.70
CA LYS A 59 0.15 17.20 18.07
C LYS A 59 -1.27 16.67 18.13
N HIS A 60 -2.15 17.19 17.25
CA HIS A 60 -3.54 16.75 17.26
C HIS A 60 -3.68 15.33 16.73
N ALA A 61 -2.88 14.95 15.75
CA ALA A 61 -3.00 13.62 15.16
C ALA A 61 -2.66 12.53 16.16
N TYR A 62 -1.68 12.78 17.03
CA TYR A 62 -1.27 11.83 18.05
C TYR A 62 -1.97 12.07 19.39
N SER A 63 -3.02 12.88 19.41
CA SER A 63 -3.82 13.09 20.61
C SER A 63 -4.89 12.01 20.71
N ASN A 64 -5.68 12.06 21.78
CA ASN A 64 -6.78 11.12 21.92
C ASN A 64 -7.94 11.42 20.97
N ASP A 65 -7.88 12.55 20.26
CA ASP A 65 -8.92 12.91 19.28
C ASP A 65 -8.24 13.65 18.14
N PRO A 66 -8.04 13.00 17.00
CA PRO A 66 -7.34 13.64 15.88
C PRO A 66 -8.25 14.46 14.98
N SER A 67 -9.44 14.82 15.48
CA SER A 67 -10.43 15.51 14.66
C SER A 67 -9.87 16.75 13.99
N GLN A 68 -9.13 17.57 14.75
CA GLN A 68 -8.60 18.80 14.18
C GLN A 68 -7.52 18.53 13.14
N ALA A 69 -6.67 17.54 13.39
CA ALA A 69 -5.66 17.17 12.41
C ALA A 69 -6.28 16.67 11.12
N ILE A 70 -7.44 16.02 11.20
CA ILE A 70 -8.10 15.53 10.01
C ILE A 70 -8.64 16.68 9.18
N LYS A 71 -9.39 17.59 9.80
CA LYS A 71 -9.97 18.71 9.06
C LYS A 71 -8.88 19.64 8.52
N THR A 72 -7.79 19.81 9.26
CA THR A 72 -6.69 20.63 8.77
C THR A 72 -6.05 20.01 7.54
N LEU A 73 -5.77 18.71 7.60
CA LEU A 73 -5.23 18.02 6.43
C LEU A 73 -6.23 18.00 5.28
N GLU A 74 -7.53 17.92 5.60
CA GLU A 74 -8.54 18.08 4.56
C GLU A 74 -8.48 19.45 3.93
N SER A 75 -8.21 20.48 4.73
CA SER A 75 -8.11 21.85 4.23
C SER A 75 -6.89 22.05 3.35
N LEU A 76 -5.91 21.15 3.40
CA LEU A 76 -4.68 21.27 2.64
C LEU A 76 -4.66 20.45 1.36
N ILE A 77 -5.72 19.68 1.10
CA ILE A 77 -5.78 18.79 -0.05
C ILE A 77 -6.98 19.20 -0.90
N LEU A 78 -6.71 19.62 -2.13
CA LEU A 78 -7.76 20.02 -3.06
C LEU A 78 -7.95 18.96 -4.12
N PRO A 79 -9.19 18.46 -4.32
CA PRO A 79 -9.49 17.52 -5.41
C PRO A 79 -9.60 18.21 -6.77
N PHE A 80 -8.63 19.08 -7.08
CA PHE A 80 -8.59 19.80 -8.34
C PHE A 80 -7.14 19.96 -8.79
N TYR A 81 -6.94 20.02 -10.09
CA TYR A 81 -5.61 20.23 -10.68
C TYR A 81 -5.43 21.72 -10.89
N ILE A 82 -4.65 22.35 -10.02
CA ILE A 82 -4.43 23.80 -10.06
C ILE A 82 -2.93 24.05 -10.18
N PRO A 83 -2.36 24.00 -11.38
CA PRO A 83 -0.90 24.15 -11.50
C PRO A 83 -0.41 25.59 -11.40
N THR A 84 -1.16 26.54 -11.95
CA THR A 84 -0.76 27.93 -12.00
C THR A 84 -1.78 28.81 -11.27
N PRO A 85 -1.41 30.04 -10.93
CA PRO A 85 -2.40 30.98 -10.35
C PRO A 85 -3.63 31.17 -11.22
N ALA A 86 -3.54 30.93 -12.53
CA ALA A 86 -4.68 31.14 -13.41
C ALA A 86 -5.83 30.21 -13.08
N GLU A 87 -5.53 28.99 -12.61
CA GLU A 87 -6.57 28.03 -12.28
C GLU A 87 -7.16 28.24 -10.89
N PHE A 88 -6.57 29.11 -10.07
CA PHE A 88 -7.11 29.42 -8.75
C PHE A 88 -8.34 30.33 -8.94
N THR A 89 -9.40 29.73 -9.48
CA THR A 89 -10.58 30.47 -9.88
C THR A 89 -11.79 29.53 -9.82
N GLY A 90 -12.97 30.13 -9.74
CA GLY A 90 -14.20 29.38 -9.84
C GLY A 90 -14.55 28.61 -8.57
N GLU A 91 -15.38 27.58 -8.77
CA GLU A 91 -15.88 26.75 -7.66
C GLU A 91 -14.84 25.66 -7.37
N ILE A 92 -13.82 26.05 -6.60
CA ILE A 92 -12.74 25.16 -6.21
C ILE A 92 -12.55 25.25 -4.71
N GLY A 93 -12.01 24.18 -4.14
CA GLY A 93 -11.80 24.14 -2.71
C GLY A 93 -11.15 22.84 -2.28
N SER A 94 -11.09 22.65 -0.97
CA SER A 94 -10.44 21.51 -0.36
C SER A 94 -11.47 20.42 -0.06
N TYR A 95 -11.02 19.35 0.59
CA TYR A 95 -11.92 18.27 0.98
C TYR A 95 -12.88 18.67 2.09
N THR A 96 -12.66 19.83 2.72
CA THR A 96 -13.64 20.35 3.67
C THR A 96 -14.87 20.90 2.95
N GLY A 97 -14.77 21.17 1.66
CA GLY A 97 -15.86 21.72 0.89
C GLY A 97 -15.91 23.23 0.83
N VAL A 98 -15.03 23.92 1.56
CA VAL A 98 -15.07 25.38 1.62
C VAL A 98 -14.49 25.96 0.33
N LYS A 99 -15.24 26.86 -0.30
CA LYS A 99 -14.79 27.49 -1.53
C LYS A 99 -13.64 28.44 -1.25
N LEU A 100 -12.60 28.37 -2.07
CA LEU A 100 -11.43 29.24 -1.95
C LEU A 100 -11.67 30.53 -2.71
N GLU A 101 -11.38 31.66 -2.06
CA GLU A 101 -11.51 32.98 -2.68
C GLU A 101 -10.12 33.62 -2.75
N VAL A 102 -9.76 34.09 -3.93
CA VAL A 102 -8.43 34.67 -4.16
C VAL A 102 -8.46 36.15 -3.78
N GLU A 103 -7.54 36.53 -2.89
CA GLU A 103 -7.41 37.94 -2.53
C GLU A 103 -6.51 38.67 -3.51
N LYS A 104 -5.35 38.10 -3.82
CA LYS A 104 -4.39 38.68 -4.75
C LYS A 104 -3.81 37.58 -5.62
N THR A 105 -3.59 37.89 -6.89
CA THR A 105 -2.98 36.95 -7.83
C THR A 105 -1.71 37.55 -8.40
N GLU A 106 -0.75 36.67 -8.72
CA GLU A 106 0.52 37.08 -9.30
C GLU A 106 0.88 36.09 -10.40
N ALA A 107 2.09 36.27 -10.97
CA ALA A 107 2.57 35.34 -11.97
C ALA A 107 2.95 34.00 -11.35
N ASN A 108 3.50 34.02 -10.14
CA ASN A 108 3.92 32.81 -9.45
C ASN A 108 3.57 32.85 -7.97
N LYS A 109 2.47 33.52 -7.61
CA LYS A 109 2.06 33.61 -6.22
C LYS A 109 0.56 33.85 -6.15
N VAL A 110 -0.07 33.33 -5.10
CA VAL A 110 -1.50 33.49 -4.86
C VAL A 110 -1.72 33.71 -3.37
N ILE A 111 -2.52 34.71 -3.03
CA ILE A 111 -2.92 34.97 -1.65
C ILE A 111 -4.43 34.78 -1.56
N LEU A 112 -4.87 33.90 -0.66
CA LEU A 112 -6.27 33.58 -0.49
C LEU A 112 -6.87 34.35 0.67
N LYS A 113 -8.19 34.52 0.63
CA LYS A 113 -8.92 35.09 1.75
C LYS A 113 -9.23 33.99 2.76
N ASN A 114 -9.83 34.39 3.89
CA ASN A 114 -10.23 33.47 4.96
C ASN A 114 -9.02 32.70 5.48
N GLY A 115 -8.02 33.44 5.95
CA GLY A 115 -6.83 32.85 6.50
C GLY A 115 -5.55 33.53 6.05
N GLU A 116 -5.60 34.24 4.93
CA GLU A 116 -4.46 34.97 4.37
C GLU A 116 -3.28 34.02 4.12
N ALA A 117 -3.55 32.97 3.35
CA ALA A 117 -2.55 31.97 3.03
C ALA A 117 -1.84 32.35 1.74
N VAL A 118 -0.53 32.57 1.83
CA VAL A 118 0.28 32.89 0.67
C VAL A 118 0.81 31.60 0.08
N LEU A 119 0.46 31.32 -1.18
CA LEU A 119 0.77 30.06 -1.83
C LEU A 119 1.68 30.31 -3.03
N VAL A 120 2.80 29.58 -3.06
CA VAL A 120 3.77 29.65 -4.16
C VAL A 120 3.95 28.23 -4.67
N PRO A 121 3.92 28.00 -5.99
CA PRO A 121 4.11 26.64 -6.50
C PRO A 121 5.46 26.08 -6.10
N ALA A 122 5.47 24.78 -5.76
CA ALA A 122 6.70 24.12 -5.38
C ALA A 122 7.67 24.07 -6.55
N ALA A 123 8.84 24.69 -6.37
CA ALA A 123 9.80 24.77 -7.45
C ALA A 123 10.35 23.41 -7.83
N ASP A 124 10.43 22.47 -6.88
CA ASP A 124 11.00 21.16 -7.14
C ASP A 124 9.96 20.11 -7.52
N PHE A 125 8.68 20.39 -7.35
CA PHE A 125 7.64 19.44 -7.70
C PHE A 125 7.31 19.59 -9.18
N LYS A 126 7.46 18.50 -9.89
CA LYS A 126 7.09 18.46 -11.29
C LYS A 126 6.47 17.11 -11.60
N PRO A 127 5.25 17.08 -12.11
CA PRO A 127 4.53 15.82 -12.30
C PRO A 127 4.87 15.14 -13.62
N PHE A 128 4.49 13.86 -13.69
CA PHE A 128 4.68 13.05 -14.89
C PHE A 128 3.83 13.60 -16.03
N PRO A 129 4.09 13.20 -17.28
CA PRO A 129 3.26 13.67 -18.39
C PRO A 129 1.80 13.29 -18.21
N ASP A 130 0.92 14.26 -18.45
CA ASP A 130 -0.53 14.14 -18.39
C ASP A 130 -1.04 13.67 -17.03
N ARG A 131 -0.21 13.70 -15.99
CA ARG A 131 -0.67 13.43 -14.64
C ARG A 131 -0.98 14.74 -13.96
N ARG A 132 -2.23 14.90 -13.54
CA ARG A 132 -2.74 16.20 -13.07
C ARG A 132 -2.52 16.31 -11.56
N LEU A 133 -1.26 16.55 -11.21
CA LEU A 133 -0.83 16.72 -9.84
C LEU A 133 -0.11 18.06 -9.69
N ALA A 134 -0.35 18.73 -8.56
CA ALA A 134 0.28 20.00 -8.28
C ALA A 134 0.51 20.11 -6.77
N VAL A 135 1.60 20.80 -6.41
CA VAL A 135 1.95 21.01 -5.02
C VAL A 135 2.31 22.48 -4.83
N TRP A 136 1.67 23.13 -3.88
CA TRP A 136 1.94 24.51 -3.53
C TRP A 136 2.52 24.58 -2.13
N ILE A 137 3.37 25.58 -1.90
CA ILE A 137 3.97 25.83 -0.60
C ILE A 137 3.22 26.97 0.07
N MET A 138 2.70 26.73 1.27
CA MET A 138 2.05 27.77 2.05
C MET A 138 3.12 28.45 2.90
N GLU A 139 3.58 29.62 2.44
CA GLU A 139 4.66 30.31 3.14
C GLU A 139 4.17 31.02 4.39
N SER A 140 2.90 31.39 4.44
CA SER A 140 2.35 32.07 5.62
C SER A 140 0.83 31.86 5.62
N GLY A 141 0.21 32.22 6.75
CA GLY A 141 -1.23 32.13 6.87
C GLY A 141 -1.72 30.72 7.09
N SER A 142 -3.01 30.54 6.86
CA SER A 142 -3.65 29.24 7.05
C SER A 142 -4.75 29.07 6.02
N MET A 143 -4.95 27.84 5.57
CA MET A 143 -6.00 27.55 4.62
C MET A 143 -7.37 27.64 5.31
N PRO A 144 -8.41 28.02 4.56
CA PRO A 144 -9.73 28.18 5.18
C PRO A 144 -10.26 26.86 5.72
N LEU A 145 -10.88 26.93 6.89
CA LEU A 145 -11.53 25.78 7.52
C LEU A 145 -13.04 25.83 7.39
N GLU A 146 -13.66 26.99 7.60
CA GLU A 146 -15.10 27.15 7.49
C GLU A 146 -15.41 28.30 6.55
N GLY A 147 -16.51 28.17 5.80
CA GLY A 147 -16.92 29.19 4.87
C GLY A 147 -17.95 28.69 3.88
N PRO A 148 -18.29 29.52 2.90
CA PRO A 148 -19.26 29.11 1.88
C PRO A 148 -18.74 27.96 1.06
N PRO A 149 -19.58 26.98 0.74
CA PRO A 149 -19.11 25.81 -0.01
C PRO A 149 -19.07 26.08 -1.50
N TYR A 150 -18.13 25.40 -2.16
CA TYR A 150 -18.06 25.41 -3.62
C TYR A 150 -18.97 24.32 -4.18
N LYS A 151 -19.62 24.62 -5.29
CA LYS A 151 -20.49 23.65 -5.95
C LYS A 151 -19.63 22.61 -6.67
N ARG A 152 -19.69 21.37 -6.22
CA ARG A 152 -18.71 20.36 -6.59
C ARG A 152 -19.02 19.75 -7.96
N PRO B 1 7.70 8.87 15.50
CA PRO B 1 7.01 7.83 14.75
C PRO B 1 5.50 7.79 15.00
N SER B 2 4.83 6.78 14.47
CA SER B 2 3.38 6.69 14.59
C SER B 2 3.00 6.31 16.02
N ASN B 3 2.20 7.17 16.67
CA ASN B 3 1.67 6.90 18.00
C ASN B 3 0.19 7.28 18.07
N MET B 4 -0.58 6.79 17.09
CA MET B 4 -2.01 7.09 17.05
C MET B 4 -2.71 6.59 18.31
N LYS B 5 -3.68 7.37 18.79
CA LYS B 5 -4.55 6.96 19.89
C LYS B 5 -5.92 6.50 19.41
N GLN B 6 -6.36 6.97 18.24
CA GLN B 6 -7.55 6.47 17.57
C GLN B 6 -7.12 5.87 16.24
N PHE B 7 -7.86 4.85 15.80
CA PHE B 7 -7.43 4.01 14.68
C PHE B 7 -8.50 3.97 13.61
N CYS B 8 -8.13 4.34 12.38
CA CYS B 8 -9.02 4.24 11.24
C CYS B 8 -8.97 2.88 10.57
N LYS B 9 -7.94 2.08 10.87
CA LYS B 9 -7.84 0.71 10.39
C LYS B 9 -7.00 -0.08 11.38
N ILE B 10 -7.22 -1.40 11.41
CA ILE B 10 -6.55 -2.24 12.40
C ILE B 10 -5.05 -2.30 12.15
N SER B 11 -4.63 -2.14 10.89
CA SER B 11 -3.20 -2.21 10.56
C SER B 11 -2.40 -1.14 11.28
N VAL B 12 -3.01 0.03 11.55
CA VAL B 12 -2.32 1.07 12.28
C VAL B 12 -2.04 0.63 13.71
N TRP B 13 -3.03 -0.01 14.35
CA TRP B 13 -2.82 -0.56 15.69
C TRP B 13 -1.74 -1.63 15.69
N LEU B 14 -1.77 -2.52 14.69
CA LEU B 14 -0.79 -3.59 14.63
C LEU B 14 0.61 -3.06 14.34
N GLN B 15 0.72 -2.02 13.52
CA GLN B 15 2.01 -1.46 13.20
C GLN B 15 2.72 -0.92 14.43
N GLN B 16 1.96 -0.37 15.39
CA GLN B 16 2.57 0.17 16.60
C GLN B 16 2.87 -0.92 17.62
N HIS B 17 2.05 -1.96 17.68
CA HIS B 17 2.20 -3.00 18.70
C HIS B 17 3.08 -4.16 18.21
N ASP B 18 2.83 -4.66 17.00
CA ASP B 18 3.55 -5.80 16.47
C ASP B 18 3.79 -5.59 14.98
N PRO B 19 4.84 -4.84 14.62
CA PRO B 19 5.09 -4.58 13.20
C PRO B 19 5.51 -5.81 12.42
N ASP B 20 6.20 -6.76 13.06
CA ASP B 20 6.59 -7.98 12.37
C ASP B 20 5.38 -8.80 11.98
N LEU B 21 4.37 -8.88 12.87
CA LEU B 21 3.16 -9.62 12.55
C LEU B 21 2.40 -8.98 11.40
N LEU B 22 2.37 -7.64 11.35
CA LEU B 22 1.73 -6.95 10.24
C LEU B 22 2.47 -7.22 8.94
N GLU B 23 3.80 -7.26 8.99
CA GLU B 23 4.57 -7.61 7.80
C GLU B 23 4.25 -9.02 7.33
N ILE B 24 4.03 -9.95 8.26
CA ILE B 24 3.65 -11.31 7.90
C ILE B 24 2.30 -11.30 7.20
N ILE B 25 1.35 -10.52 7.72
CA ILE B 25 0.02 -10.45 7.11
C ILE B 25 0.11 -9.86 5.71
N ASN B 26 0.94 -8.83 5.54
CA ASN B 26 1.12 -8.25 4.21
C ASN B 26 1.84 -9.20 3.27
N ASN B 27 2.87 -9.89 3.77
CA ASN B 27 3.63 -10.81 2.94
C ASN B 27 2.81 -12.04 2.55
N LEU B 28 1.71 -12.31 3.25
CA LEU B 28 0.81 -13.40 2.91
C LEU B 28 -0.42 -12.92 2.16
N CYS B 29 -0.44 -11.65 1.72
CA CYS B 29 -1.56 -11.07 0.98
C CYS B 29 -2.87 -11.21 1.73
N MET B 30 -2.84 -10.93 3.03
CA MET B 30 -4.03 -11.02 3.87
C MET B 30 -4.41 -9.67 4.47
N LEU B 31 -3.82 -8.58 4.00
CA LEU B 31 -4.19 -7.26 4.51
C LEU B 31 -5.64 -6.92 4.18
N GLY B 32 -6.18 -7.48 3.09
CA GLY B 32 -7.57 -7.24 2.76
C GLY B 32 -8.54 -7.82 3.78
N ASN B 33 -8.18 -8.97 4.37
CA ASN B 33 -9.02 -9.55 5.40
C ASN B 33 -9.14 -8.65 6.62
N LEU B 34 -8.13 -7.81 6.85
CA LEU B 34 -8.11 -6.90 7.99
C LEU B 34 -8.93 -5.63 7.77
N SER B 35 -9.36 -5.37 6.53
CA SER B 35 -10.00 -4.11 6.18
C SER B 35 -11.51 -4.30 6.02
N ALA B 36 -12.25 -3.23 6.27
CA ALA B 36 -13.70 -3.24 6.13
C ALA B 36 -14.10 -2.94 4.69
N HIS B 41 -18.87 -5.29 6.52
CA HIS B 41 -19.45 -6.18 7.54
C HIS B 41 -18.84 -5.91 8.91
N GLY B 42 -17.72 -5.21 8.94
CA GLY B 42 -16.99 -5.03 10.18
C GLY B 42 -15.97 -6.14 10.40
N VAL B 43 -14.87 -5.78 11.06
CA VAL B 43 -13.74 -6.68 11.23
C VAL B 43 -13.34 -6.71 12.70
N THR B 44 -13.11 -7.92 13.22
CA THR B 44 -12.61 -8.13 14.57
C THR B 44 -11.32 -8.94 14.50
N PHE B 45 -10.25 -8.41 15.08
CA PHE B 45 -8.93 -9.04 15.06
C PHE B 45 -8.60 -9.59 16.44
N ILE B 46 -8.05 -10.80 16.46
CA ILE B 46 -7.64 -11.46 17.69
C ILE B 46 -6.12 -11.49 17.72
N TYR B 47 -5.52 -10.71 18.62
CA TYR B 47 -4.06 -10.64 18.69
C TYR B 47 -3.53 -11.75 19.58
N PRO B 48 -2.61 -12.58 19.10
CA PRO B 48 -2.06 -13.67 19.93
C PRO B 48 -0.98 -13.15 20.87
N LYS B 49 -1.25 -13.25 22.17
CA LYS B 49 -0.30 -12.74 23.16
C LYS B 49 0.81 -13.75 23.45
N GLN B 50 0.49 -15.03 23.52
CA GLN B 50 1.45 -16.04 23.95
C GLN B 50 2.49 -16.31 22.87
N ALA B 51 3.69 -16.66 23.32
CA ALA B 51 4.82 -16.80 22.41
C ALA B 51 4.64 -17.98 21.46
N LYS B 52 4.17 -19.12 21.97
CA LYS B 52 4.13 -20.33 21.15
C LYS B 52 3.12 -20.21 20.02
N ILE B 53 2.06 -19.42 20.20
CA ILE B 53 1.15 -19.15 19.09
C ILE B 53 1.80 -18.24 18.07
N ARG B 54 2.43 -17.15 18.55
CA ARG B 54 3.01 -16.18 17.63
C ARG B 54 4.25 -16.74 16.94
N ASP B 55 5.06 -17.53 17.66
CA ASP B 55 6.27 -18.08 17.06
C ASP B 55 5.95 -19.07 15.96
N GLU B 56 4.90 -19.89 16.14
CA GLU B 56 4.52 -20.84 15.10
C GLU B 56 3.99 -20.13 13.87
N ILE B 57 3.34 -18.97 14.04
CA ILE B 57 2.93 -18.17 12.89
C ILE B 57 4.14 -17.72 12.10
N LYS B 58 5.15 -17.20 12.81
CA LYS B 58 6.38 -16.74 12.15
C LYS B 58 7.09 -17.90 11.46
N LYS B 59 7.24 -19.02 12.16
CA LYS B 59 7.94 -20.16 11.59
C LYS B 59 7.23 -20.71 10.37
N HIS B 60 5.92 -20.93 10.48
CA HIS B 60 5.16 -21.47 9.36
C HIS B 60 5.16 -20.51 8.17
N ALA B 61 5.13 -19.20 8.44
CA ALA B 61 5.12 -18.23 7.35
C ALA B 61 6.42 -18.26 6.56
N TYR B 62 7.55 -18.33 7.25
CA TYR B 62 8.86 -18.32 6.61
C TYR B 62 9.36 -19.73 6.29
N SER B 63 8.46 -20.70 6.17
CA SER B 63 8.82 -22.05 5.80
C SER B 63 8.45 -22.30 4.33
N ASN B 64 8.74 -23.52 3.86
CA ASN B 64 8.45 -23.87 2.48
C ASN B 64 6.96 -23.93 2.19
N ASP B 65 6.12 -24.07 3.22
CA ASP B 65 4.67 -24.13 3.06
C ASP B 65 4.03 -23.19 4.07
N PRO B 66 3.68 -21.97 3.68
CA PRO B 66 3.06 -21.02 4.61
C PRO B 66 1.57 -21.20 4.81
N SER B 67 0.99 -22.31 4.35
CA SER B 67 -0.46 -22.50 4.43
C SER B 67 -0.93 -22.57 5.88
N GLN B 68 -0.14 -23.22 6.75
CA GLN B 68 -0.54 -23.33 8.15
C GLN B 68 -0.57 -21.97 8.83
N ALA B 69 0.37 -21.08 8.47
CA ALA B 69 0.31 -19.72 8.97
C ALA B 69 -0.88 -18.96 8.40
N ILE B 70 -1.26 -19.25 7.16
CA ILE B 70 -2.42 -18.60 6.56
C ILE B 70 -3.69 -19.04 7.28
N LYS B 71 -3.83 -20.33 7.56
CA LYS B 71 -5.00 -20.83 8.26
C LYS B 71 -5.09 -20.26 9.67
N THR B 72 -3.96 -20.20 10.38
CA THR B 72 -3.96 -19.65 11.73
C THR B 72 -4.36 -18.19 11.74
N LEU B 73 -3.82 -17.41 10.79
CA LEU B 73 -4.21 -16.00 10.70
C LEU B 73 -5.66 -15.84 10.29
N GLU B 74 -6.20 -16.77 9.49
CA GLU B 74 -7.62 -16.75 9.18
C GLU B 74 -8.46 -16.96 10.43
N SER B 75 -7.97 -17.77 11.37
CA SER B 75 -8.69 -18.02 12.61
C SER B 75 -8.71 -16.80 13.52
N LEU B 76 -7.79 -15.86 13.33
CA LEU B 76 -7.67 -14.69 14.19
C LEU B 76 -8.40 -13.47 13.64
N ILE B 77 -9.02 -13.57 12.47
CA ILE B 77 -9.69 -12.44 11.82
C ILE B 77 -11.14 -12.83 11.58
N LEU B 78 -12.05 -12.11 12.22
CA LEU B 78 -13.48 -12.35 12.06
C LEU B 78 -14.09 -11.26 11.19
N PRO B 79 -14.78 -11.60 10.09
CA PRO B 79 -15.48 -10.60 9.29
C PRO B 79 -16.78 -10.12 9.94
N PHE B 80 -16.69 -9.78 11.23
CA PHE B 80 -17.83 -9.30 12.01
C PHE B 80 -17.34 -8.25 13.00
N TYR B 81 -18.22 -7.32 13.34
CA TYR B 81 -17.91 -6.29 14.33
C TYR B 81 -18.38 -6.78 15.70
N ILE B 82 -17.43 -7.20 16.53
CA ILE B 82 -17.73 -7.78 17.83
C ILE B 82 -16.98 -6.98 18.91
N PRO B 83 -17.57 -5.88 19.40
CA PRO B 83 -16.83 -5.03 20.35
C PRO B 83 -16.86 -5.51 21.79
N THR B 84 -17.94 -6.15 22.22
CA THR B 84 -18.15 -6.51 23.60
C THR B 84 -18.50 -7.99 23.71
N PRO B 85 -18.40 -8.56 24.91
CA PRO B 85 -18.83 -9.97 25.09
C PRO B 85 -20.26 -10.24 24.65
N ALA B 86 -21.13 -9.23 24.64
CA ALA B 86 -22.51 -9.45 24.24
C ALA B 86 -22.62 -9.85 22.77
N GLU B 87 -21.73 -9.34 21.92
CA GLU B 87 -21.79 -9.62 20.50
C GLU B 87 -21.26 -11.00 20.12
N PHE B 88 -20.64 -11.71 21.07
CA PHE B 88 -20.15 -13.07 20.80
C PHE B 88 -21.32 -14.05 20.89
N THR B 89 -22.18 -13.98 19.87
CA THR B 89 -23.36 -14.83 19.80
C THR B 89 -23.82 -14.89 18.35
N GLY B 90 -24.64 -15.91 18.07
CA GLY B 90 -25.20 -16.06 16.74
C GLY B 90 -24.24 -16.70 15.76
N GLU B 91 -24.59 -16.57 14.48
CA GLU B 91 -23.81 -17.16 13.39
C GLU B 91 -22.63 -16.25 13.06
N ILE B 92 -21.57 -16.38 13.85
CA ILE B 92 -20.34 -15.61 13.68
C ILE B 92 -19.16 -16.57 13.68
N GLY B 93 -18.07 -16.12 13.07
CA GLY B 93 -16.88 -16.94 13.01
C GLY B 93 -15.76 -16.21 12.30
N SER B 94 -14.64 -16.91 12.16
CA SER B 94 -13.44 -16.36 11.53
C SER B 94 -13.47 -16.64 10.03
N TYR B 95 -12.36 -16.36 9.35
CA TYR B 95 -12.25 -16.66 7.93
C TYR B 95 -12.06 -18.15 7.67
N THR B 96 -11.84 -18.95 8.71
CA THR B 96 -11.92 -20.40 8.57
C THR B 96 -13.36 -20.88 8.43
N GLY B 97 -14.34 -20.02 8.72
CA GLY B 97 -15.74 -20.37 8.61
C GLY B 97 -16.32 -21.10 9.80
N VAL B 98 -15.53 -21.42 10.81
CA VAL B 98 -16.00 -22.21 11.93
C VAL B 98 -16.79 -21.32 12.88
N LYS B 99 -17.99 -21.76 13.24
CA LYS B 99 -18.82 -21.00 14.17
C LYS B 99 -18.20 -21.01 15.56
N LEU B 100 -18.18 -19.84 16.20
CA LEU B 100 -17.62 -19.69 17.53
C LEU B 100 -18.67 -20.05 18.58
N GLU B 101 -18.30 -20.93 19.51
CA GLU B 101 -19.17 -21.34 20.60
C GLU B 101 -18.60 -20.81 21.91
N VAL B 102 -19.40 -20.04 22.63
CA VAL B 102 -18.94 -19.39 23.86
C VAL B 102 -19.07 -20.36 25.02
N GLU B 103 -17.98 -20.55 25.75
CA GLU B 103 -18.00 -21.41 26.94
C GLU B 103 -18.51 -20.66 28.16
N LYS B 104 -17.94 -19.48 28.42
CA LYS B 104 -18.35 -18.66 29.55
C LYS B 104 -18.20 -17.19 29.16
N THR B 105 -19.15 -16.37 29.60
CA THR B 105 -19.15 -14.94 29.29
C THR B 105 -18.95 -14.14 30.57
N GLU B 106 -18.23 -13.03 30.46
CA GLU B 106 -18.03 -12.09 31.55
C GLU B 106 -18.34 -10.69 31.05
N ALA B 107 -18.15 -9.69 31.92
CA ALA B 107 -18.35 -8.32 31.51
C ALA B 107 -17.27 -7.87 30.54
N ASN B 108 -16.04 -8.33 30.74
CA ASN B 108 -14.92 -7.95 29.87
C ASN B 108 -14.03 -9.15 29.58
N LYS B 109 -14.64 -10.32 29.39
CA LYS B 109 -13.88 -11.52 29.05
C LYS B 109 -14.81 -12.55 28.43
N VAL B 110 -14.30 -13.27 27.43
CA VAL B 110 -15.03 -14.34 26.76
C VAL B 110 -14.10 -15.54 26.62
N ILE B 111 -14.58 -16.72 26.98
CA ILE B 111 -13.86 -17.97 26.79
C ILE B 111 -14.63 -18.81 25.76
N LEU B 112 -13.94 -19.22 24.70
CA LEU B 112 -14.55 -19.95 23.61
C LEU B 112 -14.22 -21.44 23.70
N LYS B 113 -15.16 -22.27 23.24
CA LYS B 113 -14.90 -23.69 23.10
C LYS B 113 -14.02 -23.93 21.88
N ASN B 114 -13.62 -25.20 21.69
CA ASN B 114 -12.82 -25.61 20.54
C ASN B 114 -11.49 -24.87 20.50
N GLY B 115 -10.80 -24.86 21.65
CA GLY B 115 -9.50 -24.23 21.73
C GLY B 115 -9.24 -23.49 23.03
N GLU B 116 -10.29 -23.26 23.82
CA GLU B 116 -10.18 -22.57 25.11
C GLU B 116 -9.60 -21.16 24.94
N ALA B 117 -10.05 -20.45 23.91
CA ALA B 117 -9.56 -19.10 23.65
C ALA B 117 -10.11 -18.14 24.70
N VAL B 118 -9.22 -17.56 25.49
CA VAL B 118 -9.57 -16.55 26.48
C VAL B 118 -9.33 -15.19 25.85
N LEU B 119 -10.40 -14.44 25.60
CA LEU B 119 -10.35 -13.19 24.85
C LEU B 119 -10.67 -12.01 25.77
N VAL B 120 -9.83 -10.99 25.72
CA VAL B 120 -10.00 -9.76 26.47
C VAL B 120 -9.96 -8.60 25.48
N PRO B 121 -10.91 -7.68 25.51
CA PRO B 121 -10.86 -6.53 24.59
C PRO B 121 -9.62 -5.69 24.81
N ALA B 122 -8.95 -5.32 23.72
CA ALA B 122 -7.79 -4.45 23.80
C ALA B 122 -8.25 -3.04 24.17
N ALA B 123 -7.89 -2.61 25.38
CA ALA B 123 -8.35 -1.31 25.87
C ALA B 123 -7.76 -0.16 25.07
N ASP B 124 -6.53 -0.31 24.58
CA ASP B 124 -5.85 0.76 23.86
C ASP B 124 -6.19 0.80 22.38
N PHE B 125 -7.12 -0.04 21.91
CA PHE B 125 -7.62 0.04 20.55
C PHE B 125 -8.95 0.79 20.58
N LYS B 126 -8.93 2.05 20.16
CA LYS B 126 -10.14 2.87 20.10
C LYS B 126 -10.39 3.27 18.65
N PRO B 127 -11.34 2.63 17.98
CA PRO B 127 -11.56 2.96 16.56
C PRO B 127 -12.25 4.30 16.39
N PHE B 128 -12.15 4.84 15.18
CA PHE B 128 -12.89 6.03 14.83
C PHE B 128 -14.38 5.77 15.03
N PRO B 129 -15.15 6.78 15.46
CA PRO B 129 -16.58 6.55 15.73
C PRO B 129 -17.35 5.93 14.58
N ASP B 130 -16.94 6.13 13.33
CA ASP B 130 -17.65 5.62 12.17
C ASP B 130 -17.07 4.32 11.63
N ARG B 131 -16.21 3.64 12.38
CA ARG B 131 -15.53 2.43 11.92
C ARG B 131 -15.98 1.26 12.79
N ARG B 132 -16.49 0.21 12.14
CA ARG B 132 -16.90 -1.01 12.83
C ARG B 132 -15.70 -1.96 12.96
N LEU B 133 -14.79 -1.59 13.85
CA LEU B 133 -13.57 -2.34 14.07
C LEU B 133 -13.43 -2.67 15.55
N ALA B 134 -12.83 -3.82 15.84
CA ALA B 134 -12.62 -4.27 17.20
C ALA B 134 -11.37 -5.15 17.25
N VAL B 135 -10.67 -5.07 18.38
CA VAL B 135 -9.44 -5.84 18.59
C VAL B 135 -9.51 -6.46 19.97
N TRP B 136 -9.35 -7.78 20.05
CA TRP B 136 -9.32 -8.51 21.30
C TRP B 136 -7.94 -9.15 21.47
N ILE B 137 -7.57 -9.39 22.72
CA ILE B 137 -6.30 -10.02 23.07
C ILE B 137 -6.59 -11.44 23.52
N MET B 138 -6.00 -12.41 22.82
CA MET B 138 -6.10 -13.82 23.22
C MET B 138 -4.99 -14.09 24.23
N GLU B 139 -5.37 -14.20 25.49
CA GLU B 139 -4.38 -14.38 26.55
C GLU B 139 -3.96 -15.84 26.71
N SER B 140 -4.79 -16.79 26.31
CA SER B 140 -4.43 -18.20 26.34
C SER B 140 -5.37 -18.96 25.42
N GLY B 141 -4.98 -20.20 25.10
CA GLY B 141 -5.76 -21.04 24.22
C GLY B 141 -5.48 -20.77 22.75
N SER B 142 -6.40 -21.25 21.92
CA SER B 142 -6.29 -21.09 20.48
C SER B 142 -7.68 -20.88 19.88
N MET B 143 -7.73 -20.07 18.82
CA MET B 143 -8.99 -19.83 18.15
C MET B 143 -9.41 -21.05 17.34
N PRO B 144 -10.71 -21.29 17.19
CA PRO B 144 -11.17 -22.49 16.48
C PRO B 144 -10.65 -22.53 15.05
N LEU B 145 -10.10 -23.69 14.67
CA LEU B 145 -9.58 -23.93 13.34
C LEU B 145 -10.51 -24.78 12.50
N GLU B 146 -10.92 -25.94 13.02
CA GLU B 146 -11.86 -26.83 12.35
C GLU B 146 -13.07 -27.06 13.24
N GLY B 147 -14.25 -27.10 12.63
CA GLY B 147 -15.47 -27.29 13.35
C GLY B 147 -16.69 -26.99 12.49
N PRO B 148 -17.87 -27.10 13.08
CA PRO B 148 -19.10 -26.79 12.33
C PRO B 148 -19.09 -25.36 11.82
N PRO B 149 -19.46 -25.14 10.57
CA PRO B 149 -19.45 -23.79 10.01
C PRO B 149 -20.68 -22.99 10.45
N TYR B 150 -20.50 -21.67 10.48
CA TYR B 150 -21.61 -20.79 10.76
C TYR B 150 -22.38 -20.48 9.49
N LYS B 151 -23.69 -20.30 9.64
CA LYS B 151 -24.56 -20.08 8.48
C LYS B 151 -24.25 -18.72 7.86
N ARG B 152 -23.96 -18.72 6.56
CA ARG B 152 -23.65 -17.50 5.84
C ARG B 152 -24.92 -16.74 5.46
N ASN C 3 13.50 -15.48 5.65
CA ASN C 3 13.00 -15.14 4.33
C ASN C 3 11.78 -15.98 3.98
N MET C 4 10.93 -15.41 3.13
CA MET C 4 9.81 -16.16 2.57
C MET C 4 10.31 -17.18 1.57
N LYS C 5 9.71 -18.37 1.61
CA LYS C 5 9.97 -19.41 0.62
C LYS C 5 8.93 -19.44 -0.49
N GLN C 6 7.66 -19.31 -0.12
CA GLN C 6 6.57 -19.19 -1.07
C GLN C 6 6.07 -17.74 -1.07
N PHE C 7 5.53 -17.31 -2.21
CA PHE C 7 5.21 -15.91 -2.42
C PHE C 7 3.81 -15.75 -2.98
N CYS C 8 3.05 -14.82 -2.41
CA CYS C 8 1.74 -14.45 -2.94
C CYS C 8 1.81 -13.30 -3.93
N LYS C 9 2.91 -12.56 -3.94
CA LYS C 9 3.12 -11.49 -4.92
C LYS C 9 4.62 -11.34 -5.16
N ILE C 10 4.97 -10.88 -6.36
CA ILE C 10 6.37 -10.75 -6.73
C ILE C 10 7.08 -9.72 -5.86
N SER C 11 6.35 -8.71 -5.39
CA SER C 11 6.96 -7.63 -4.61
C SER C 11 7.62 -8.16 -3.34
N VAL C 12 7.05 -9.20 -2.72
CA VAL C 12 7.66 -9.76 -1.51
C VAL C 12 9.02 -10.37 -1.85
N TRP C 13 9.13 -11.03 -3.00
CA TRP C 13 10.42 -11.58 -3.42
C TRP C 13 11.42 -10.48 -3.70
N LEU C 14 10.99 -9.41 -4.37
CA LEU C 14 11.89 -8.31 -4.66
C LEU C 14 12.26 -7.55 -3.39
N GLN C 15 11.39 -7.55 -2.38
CA GLN C 15 11.72 -6.91 -1.11
C GLN C 15 12.89 -7.59 -0.43
N GLN C 16 13.06 -8.90 -0.66
CA GLN C 16 14.17 -9.63 -0.04
C GLN C 16 15.45 -9.50 -0.86
N HIS C 17 15.35 -9.57 -2.18
CA HIS C 17 16.52 -9.60 -3.04
C HIS C 17 17.04 -8.21 -3.41
N ASP C 18 16.14 -7.26 -3.68
CA ASP C 18 16.54 -5.93 -4.13
C ASP C 18 15.50 -4.91 -3.68
N PRO C 19 15.59 -4.47 -2.41
CA PRO C 19 14.67 -3.41 -1.95
C PRO C 19 14.85 -2.11 -2.70
N ASP C 20 16.06 -1.81 -3.18
CA ASP C 20 16.28 -0.60 -3.95
C ASP C 20 15.49 -0.63 -5.25
N LEU C 21 15.50 -1.76 -5.95
CA LEU C 21 14.76 -1.88 -7.20
C LEU C 21 13.25 -1.83 -6.96
N LEU C 22 12.79 -2.37 -5.83
CA LEU C 22 11.37 -2.27 -5.50
C LEU C 22 10.98 -0.83 -5.20
N GLU C 23 11.85 -0.09 -4.51
CA GLU C 23 11.58 1.32 -4.24
C GLU C 23 11.51 2.13 -5.53
N ILE C 24 12.36 1.78 -6.50
CA ILE C 24 12.30 2.45 -7.81
C ILE C 24 10.97 2.17 -8.49
N ILE C 25 10.54 0.91 -8.47
CA ILE C 25 9.27 0.54 -9.09
C ILE C 25 8.12 1.29 -8.44
N ASN C 26 8.14 1.41 -7.11
CA ASN C 26 7.10 2.17 -6.42
C ASN C 26 7.20 3.65 -6.73
N ASN C 27 8.42 4.18 -6.76
CA ASN C 27 8.61 5.60 -7.05
C ASN C 27 8.26 5.95 -8.50
N LEU C 28 8.14 4.94 -9.37
CA LEU C 28 7.68 5.14 -10.74
C LEU C 28 6.23 4.74 -10.91
N CYS C 29 5.53 4.42 -9.82
CA CYS C 29 4.12 4.02 -9.85
C CYS C 29 3.91 2.82 -10.78
N MET C 30 4.82 1.85 -10.70
CA MET C 30 4.74 0.64 -11.53
C MET C 30 4.52 -0.61 -10.70
N LEU C 31 4.19 -0.47 -9.41
CA LEU C 31 3.95 -1.64 -8.57
C LEU C 31 2.75 -2.45 -9.06
N GLY C 32 1.73 -1.77 -9.58
CA GLY C 32 0.58 -2.47 -10.12
C GLY C 32 0.88 -3.33 -11.33
N ASN C 33 1.94 -3.00 -12.07
CA ASN C 33 2.31 -3.81 -13.23
C ASN C 33 2.76 -5.21 -12.82
N LEU C 34 3.25 -5.37 -11.59
CA LEU C 34 3.75 -6.66 -11.12
C LEU C 34 2.67 -7.54 -10.50
N SER C 35 1.45 -7.03 -10.34
CA SER C 35 0.37 -7.78 -9.71
C SER C 35 -0.59 -8.32 -10.75
N ALA C 36 -0.98 -9.57 -10.59
CA ALA C 36 -1.90 -10.24 -11.51
C ALA C 36 -3.30 -9.65 -11.39
N HIS C 41 -5.10 -12.20 -15.57
CA HIS C 41 -3.96 -12.69 -16.32
C HIS C 41 -2.69 -12.71 -15.46
N GLY C 42 -1.75 -13.59 -15.80
CA GLY C 42 -0.56 -13.77 -15.01
C GLY C 42 0.47 -12.68 -15.19
N VAL C 43 1.53 -12.76 -14.40
CA VAL C 43 2.63 -11.80 -14.42
C VAL C 43 3.95 -12.55 -14.33
N THR C 44 4.91 -12.16 -15.16
CA THR C 44 6.25 -12.73 -15.15
C THR C 44 7.25 -11.60 -15.05
N PHE C 45 8.07 -11.62 -14.00
CA PHE C 45 9.08 -10.59 -13.77
C PHE C 45 10.47 -11.14 -14.10
N ILE C 46 11.26 -10.33 -14.80
CA ILE C 46 12.63 -10.68 -15.18
C ILE C 46 13.57 -9.81 -14.36
N TYR C 47 14.28 -10.44 -13.42
CA TYR C 47 15.22 -9.72 -12.58
C TYR C 47 16.58 -9.66 -13.27
N PRO C 48 17.11 -8.47 -13.59
CA PRO C 48 18.45 -8.39 -14.18
C PRO C 48 19.51 -8.64 -13.14
N LYS C 49 20.29 -9.72 -13.34
CA LYS C 49 21.29 -10.10 -12.34
C LYS C 49 22.50 -9.17 -12.38
N GLN C 50 22.91 -8.75 -13.57
CA GLN C 50 24.08 -7.89 -13.71
C GLN C 50 23.83 -6.55 -13.02
N ALA C 51 24.87 -6.02 -12.38
CA ALA C 51 24.69 -4.85 -11.52
C ALA C 51 24.53 -3.57 -12.34
N LYS C 52 25.26 -3.45 -13.46
CA LYS C 52 25.26 -2.18 -14.19
C LYS C 52 23.93 -1.96 -14.91
N ILE C 53 23.22 -3.03 -15.28
CA ILE C 53 21.87 -2.84 -15.80
C ILE C 53 20.97 -2.24 -14.73
N ARG C 54 21.08 -2.73 -13.49
CA ARG C 54 20.38 -2.10 -12.38
C ARG C 54 21.01 -0.78 -12.00
N ASP C 55 22.33 -0.61 -12.23
CA ASP C 55 22.94 0.69 -12.04
C ASP C 55 22.31 1.74 -12.94
N GLU C 56 22.14 1.39 -14.23
CA GLU C 56 21.59 2.35 -15.19
C GLU C 56 20.12 2.61 -14.96
N ILE C 57 19.38 1.61 -14.46
CA ILE C 57 17.97 1.82 -14.13
C ILE C 57 17.86 2.89 -13.04
N LYS C 58 18.69 2.77 -11.99
CA LYS C 58 18.67 3.76 -10.91
C LYS C 58 19.09 5.13 -11.40
N LYS C 59 20.10 5.20 -12.26
CA LYS C 59 20.56 6.49 -12.78
C LYS C 59 19.45 7.18 -13.56
N HIS C 60 18.87 6.50 -14.54
CA HIS C 60 17.80 7.09 -15.34
C HIS C 60 16.56 7.37 -14.50
N ALA C 61 16.35 6.59 -13.43
CA ALA C 61 15.16 6.78 -12.58
C ALA C 61 15.19 8.13 -11.88
N TYR C 62 16.26 8.39 -11.13
CA TYR C 62 16.41 9.61 -10.36
C TYR C 62 17.01 10.76 -11.17
N SER C 63 16.87 10.72 -12.49
CA SER C 63 17.36 11.77 -13.38
C SER C 63 16.29 12.84 -13.55
N ASN C 64 16.49 13.74 -14.51
CA ASN C 64 15.46 14.72 -14.85
C ASN C 64 14.31 14.09 -15.64
N ASP C 65 14.59 13.01 -16.36
CA ASP C 65 13.58 12.33 -17.16
C ASP C 65 13.72 10.82 -16.97
N PRO C 66 12.78 10.18 -16.26
CA PRO C 66 12.90 8.73 -16.00
C PRO C 66 12.36 7.87 -17.13
N SER C 67 12.19 8.45 -18.32
CA SER C 67 11.56 7.74 -19.43
C SER C 67 12.24 6.41 -19.72
N GLN C 68 13.57 6.37 -19.68
CA GLN C 68 14.29 5.14 -20.00
C GLN C 68 14.16 4.10 -18.89
N ALA C 69 14.27 4.54 -17.63
CA ALA C 69 14.06 3.62 -16.51
C ALA C 69 12.65 3.05 -16.52
N ILE C 70 11.67 3.83 -16.98
CA ILE C 70 10.31 3.33 -17.09
C ILE C 70 10.21 2.29 -18.19
N LYS C 71 10.75 2.62 -19.38
CA LYS C 71 10.68 1.68 -20.50
C LYS C 71 11.50 0.43 -20.24
N THR C 72 12.63 0.57 -19.54
CA THR C 72 13.44 -0.60 -19.20
C THR C 72 12.68 -1.55 -18.29
N LEU C 73 12.04 -1.01 -17.25
CA LEU C 73 11.28 -1.85 -16.34
C LEU C 73 10.04 -2.44 -17.01
N GLU C 74 9.47 -1.72 -17.98
CA GLU C 74 8.35 -2.28 -18.74
C GLU C 74 8.77 -3.50 -19.54
N SER C 75 10.01 -3.51 -20.04
CA SER C 75 10.51 -4.67 -20.78
C SER C 75 10.83 -5.84 -19.86
N LEU C 76 10.92 -5.62 -18.56
CA LEU C 76 11.23 -6.67 -17.61
C LEU C 76 10.00 -7.29 -16.97
N ILE C 77 8.81 -6.76 -17.23
CA ILE C 77 7.57 -7.25 -16.66
C ILE C 77 6.68 -7.74 -17.80
N LEU C 78 6.31 -9.02 -17.75
CA LEU C 78 5.46 -9.61 -18.78
C LEU C 78 4.07 -9.86 -18.24
N PRO C 79 3.01 -9.40 -18.92
CA PRO C 79 1.64 -9.68 -18.50
C PRO C 79 1.18 -11.10 -18.88
N PHE C 80 2.03 -12.09 -18.58
CA PHE C 80 1.75 -13.48 -18.89
C PHE C 80 2.34 -14.36 -17.80
N TYR C 81 1.76 -15.54 -17.62
CA TYR C 81 2.23 -16.52 -16.64
C TYR C 81 3.11 -17.53 -17.38
N ILE C 82 4.43 -17.41 -17.19
CA ILE C 82 5.38 -18.28 -17.87
C ILE C 82 6.26 -18.97 -16.83
N PRO C 83 5.83 -20.11 -16.28
CA PRO C 83 6.61 -20.77 -15.22
C PRO C 83 7.82 -21.53 -15.76
N THR C 84 7.67 -22.19 -16.90
CA THR C 84 8.69 -23.05 -17.46
C THR C 84 9.07 -22.61 -18.87
N PRO C 85 10.20 -23.09 -19.41
CA PRO C 85 10.55 -22.81 -20.80
C PRO C 85 9.48 -23.19 -21.82
N ALA C 86 8.62 -24.14 -21.47
CA ALA C 86 7.59 -24.60 -22.40
C ALA C 86 6.59 -23.50 -22.72
N GLU C 87 6.35 -22.58 -21.79
CA GLU C 87 5.39 -21.50 -21.98
C GLU C 87 5.99 -20.28 -22.65
N PHE C 88 7.28 -20.32 -23.00
CA PHE C 88 7.91 -19.23 -23.74
C PHE C 88 7.68 -19.43 -25.25
N THR C 89 6.41 -19.26 -25.63
CA THR C 89 6.01 -19.46 -27.01
C THR C 89 4.71 -18.72 -27.25
N GLY C 90 4.43 -18.46 -28.52
CA GLY C 90 3.21 -17.78 -28.91
C GLY C 90 3.34 -16.27 -28.88
N GLU C 91 2.18 -15.61 -28.87
CA GLU C 91 2.12 -14.15 -28.86
C GLU C 91 2.30 -13.66 -27.43
N ILE C 92 3.56 -13.54 -27.02
CA ILE C 92 3.92 -13.08 -25.69
C ILE C 92 4.89 -11.92 -25.81
N GLY C 93 4.94 -11.10 -24.77
CA GLY C 93 5.81 -9.95 -24.75
C GLY C 93 5.71 -9.23 -23.43
N SER C 94 6.42 -8.12 -23.33
CA SER C 94 6.47 -7.33 -22.12
C SER C 94 5.39 -6.24 -22.15
N TYR C 95 5.45 -5.32 -21.18
CA TYR C 95 4.54 -4.18 -21.19
C TYR C 95 4.87 -3.18 -22.29
N THR C 96 6.05 -3.28 -22.89
CA THR C 96 6.37 -2.45 -24.05
C THR C 96 5.66 -2.92 -25.31
N GLY C 97 5.08 -4.12 -25.29
CA GLY C 97 4.34 -4.64 -26.43
C GLY C 97 5.16 -5.40 -27.43
N VAL C 98 6.49 -5.35 -27.37
CA VAL C 98 7.32 -6.01 -28.36
C VAL C 98 7.22 -7.53 -28.18
N LYS C 99 7.03 -8.24 -29.29
CA LYS C 99 6.91 -9.68 -29.24
C LYS C 99 8.27 -10.32 -28.95
N LEU C 100 8.26 -11.34 -28.09
CA LEU C 100 9.46 -12.07 -27.74
C LEU C 100 9.61 -13.28 -28.65
N GLU C 101 10.80 -13.47 -29.20
CA GLU C 101 11.10 -14.60 -30.07
C GLU C 101 12.21 -15.44 -29.42
N VAL C 102 11.94 -16.73 -29.25
CA VAL C 102 12.87 -17.61 -28.57
C VAL C 102 13.90 -18.13 -29.57
N GLU C 103 15.18 -17.97 -29.23
CA GLU C 103 16.27 -18.52 -30.04
C GLU C 103 16.65 -19.92 -29.60
N LYS C 104 16.79 -20.14 -28.29
CA LYS C 104 17.13 -21.44 -27.74
C LYS C 104 16.22 -21.74 -26.55
N THR C 105 15.83 -23.00 -26.40
CA THR C 105 15.04 -23.45 -25.28
C THR C 105 15.67 -24.69 -24.67
N GLU C 106 15.72 -24.73 -23.34
CA GLU C 106 16.27 -25.87 -22.63
C GLU C 106 15.32 -26.31 -21.53
N ALA C 107 15.75 -27.25 -20.68
CA ALA C 107 14.89 -27.72 -19.60
C ALA C 107 14.71 -26.65 -18.53
N ASN C 108 15.78 -25.91 -18.23
CA ASN C 108 15.74 -24.88 -17.20
C ASN C 108 16.43 -23.60 -17.66
N LYS C 109 16.36 -23.30 -18.95
CA LYS C 109 16.98 -22.10 -19.49
C LYS C 109 16.31 -21.75 -20.82
N VAL C 110 16.25 -20.45 -21.11
CA VAL C 110 15.66 -19.94 -22.33
C VAL C 110 16.46 -18.72 -22.78
N ILE C 111 16.85 -18.71 -24.05
CA ILE C 111 17.62 -17.62 -24.64
C ILE C 111 16.77 -16.92 -25.68
N LEU C 112 16.65 -15.61 -25.57
CA LEU C 112 15.78 -14.81 -26.43
C LEU C 112 16.58 -14.12 -27.53
N LYS C 113 15.88 -13.75 -28.60
CA LYS C 113 16.46 -12.94 -29.65
C LYS C 113 16.32 -11.46 -29.27
N ASN C 114 16.89 -10.58 -30.11
CA ASN C 114 16.80 -9.13 -29.92
C ASN C 114 17.46 -8.70 -28.62
N GLY C 115 18.62 -9.28 -28.32
CA GLY C 115 19.39 -8.90 -27.15
C GLY C 115 20.08 -10.07 -26.46
N GLU C 116 19.74 -11.29 -26.87
CA GLU C 116 20.35 -12.52 -26.33
C GLU C 116 20.22 -12.57 -24.80
N ALA C 117 18.99 -12.50 -24.33
CA ALA C 117 18.68 -12.56 -22.91
C ALA C 117 18.61 -14.03 -22.47
N VAL C 118 19.53 -14.43 -21.61
CA VAL C 118 19.53 -15.77 -21.04
C VAL C 118 18.71 -15.75 -19.76
N LEU C 119 17.61 -16.50 -19.76
CA LEU C 119 16.65 -16.46 -18.65
C LEU C 119 16.59 -17.82 -17.98
N VAL C 120 16.84 -17.84 -16.67
CA VAL C 120 16.74 -19.03 -15.85
C VAL C 120 15.73 -18.73 -14.75
N PRO C 121 14.77 -19.61 -14.49
CA PRO C 121 13.81 -19.36 -13.40
C PRO C 121 14.51 -19.21 -12.07
N ALA C 122 14.04 -18.25 -11.27
CA ALA C 122 14.62 -18.02 -9.95
C ALA C 122 14.52 -19.28 -9.10
N ALA C 123 15.65 -19.67 -8.51
CA ALA C 123 15.69 -20.91 -7.74
C ALA C 123 14.92 -20.81 -6.43
N ASP C 124 14.67 -19.60 -5.93
CA ASP C 124 14.02 -19.42 -4.64
C ASP C 124 12.63 -18.81 -4.74
N PHE C 125 12.10 -18.60 -5.95
CA PHE C 125 10.75 -18.10 -6.13
C PHE C 125 9.82 -19.27 -6.45
N LYS C 126 8.90 -19.55 -5.53
CA LYS C 126 7.87 -20.56 -5.74
C LYS C 126 6.54 -19.88 -5.44
N PRO C 127 5.62 -19.79 -6.40
CA PRO C 127 4.37 -19.07 -6.16
C PRO C 127 3.40 -19.87 -5.30
N PHE C 128 2.42 -19.15 -4.75
CA PHE C 128 1.31 -19.81 -4.09
C PHE C 128 0.55 -20.66 -5.11
N PRO C 129 0.01 -21.81 -4.68
CA PRO C 129 -0.65 -22.74 -5.62
C PRO C 129 -1.59 -22.11 -6.64
N ASP C 130 -2.54 -21.28 -6.21
CA ASP C 130 -3.52 -20.69 -7.13
C ASP C 130 -3.11 -19.30 -7.62
N ARG C 131 -1.84 -18.95 -7.56
CA ARG C 131 -1.36 -17.67 -8.03
C ARG C 131 -0.47 -17.87 -9.25
N ARG C 132 -0.77 -17.13 -10.32
CA ARG C 132 -0.04 -17.25 -11.59
C ARG C 132 1.06 -16.20 -11.62
N LEU C 133 2.15 -16.49 -10.91
CA LEU C 133 3.30 -15.60 -10.84
C LEU C 133 4.57 -16.39 -11.06
N ALA C 134 5.51 -15.81 -11.81
CA ALA C 134 6.79 -16.43 -12.11
C ALA C 134 7.87 -15.37 -12.15
N VAL C 135 9.07 -15.75 -11.74
CA VAL C 135 10.22 -14.85 -11.72
C VAL C 135 11.40 -15.54 -12.37
N TRP C 136 11.99 -14.90 -13.37
CA TRP C 136 13.17 -15.39 -14.06
C TRP C 136 14.35 -14.48 -13.78
N ILE C 137 15.55 -15.06 -13.77
CA ILE C 137 16.79 -14.32 -13.58
C ILE C 137 17.46 -14.16 -14.93
N MET C 138 17.70 -12.91 -15.33
CA MET C 138 18.40 -12.62 -16.57
C MET C 138 19.90 -12.68 -16.29
N GLU C 139 20.51 -13.81 -16.60
CA GLU C 139 21.93 -13.99 -16.29
C GLU C 139 22.82 -13.22 -17.24
N SER C 140 22.39 -13.02 -18.49
CA SER C 140 23.17 -12.25 -19.45
C SER C 140 22.24 -11.72 -20.54
N GLY C 141 22.63 -10.60 -21.12
CA GLY C 141 21.92 -10.04 -22.25
C GLY C 141 21.02 -8.88 -21.87
N SER C 142 20.04 -8.64 -22.74
CA SER C 142 19.12 -7.53 -22.59
C SER C 142 17.74 -7.93 -23.09
N MET C 143 16.71 -7.40 -22.43
CA MET C 143 15.35 -7.62 -22.91
C MET C 143 15.06 -6.68 -24.08
N PRO C 144 14.25 -7.12 -25.03
CA PRO C 144 13.98 -6.27 -26.21
C PRO C 144 13.29 -4.97 -25.83
N LEU C 145 13.73 -3.89 -26.47
CA LEU C 145 13.14 -2.57 -26.30
C LEU C 145 12.16 -2.22 -27.42
N GLU C 146 12.55 -2.46 -28.68
CA GLU C 146 11.74 -2.15 -29.83
C GLU C 146 11.69 -3.34 -30.78
N GLY C 147 10.58 -3.46 -31.50
CA GLY C 147 10.41 -4.53 -32.45
C GLY C 147 8.95 -4.78 -32.78
N PRO C 148 8.69 -5.81 -33.59
CA PRO C 148 7.31 -6.13 -33.97
C PRO C 148 6.49 -6.52 -32.75
N PRO C 149 5.30 -5.96 -32.60
CA PRO C 149 4.50 -6.27 -31.42
C PRO C 149 3.67 -7.53 -31.57
N TYR C 150 3.58 -8.29 -30.49
CA TYR C 150 2.48 -9.23 -30.32
C TYR C 150 1.19 -8.44 -30.11
N LYS C 151 0.08 -8.97 -30.60
CA LYS C 151 -1.22 -8.32 -30.39
C LYS C 151 -1.99 -9.07 -29.32
N ARG C 152 -2.15 -8.43 -28.17
CA ARG C 152 -2.95 -8.89 -27.04
C ARG C 152 -4.25 -9.57 -27.44
#